data_9EXW
#
_entry.id   9EXW
#
_cell.length_a   48.726
_cell.length_b   55.669
_cell.length_c   150.818
_cell.angle_alpha   90
_cell.angle_beta   90
_cell.angle_gamma   90
#
_symmetry.space_group_name_H-M   'P 21 21 21'
#
loop_
_entity.id
_entity.type
_entity.pdbx_description
1 polymer 'Histone-lysine N-methyltransferase NSD2'
2 non-polymer 1,2-ETHANEDIOL
3 non-polymer 7-[3-methyl-5-[2-methyl-5-[(pyridin-3-ylamino)methyl]phenyl]imidazol-4-yl]-4~{H}-1,4-benzoxazin-3-one
4 water water
#
_entity_poly.entity_id   1
_entity_poly.type   'polypeptide(L)'
_entity_poly.pdbx_seq_one_letter_code
;MGGGPNTGRDKDHLLKYNVGDLVWSKVSGYPWWPCMVSADPLLHSYTKLKGQKKSARQYHVQFFGDAPERAWIFEKSLVA
FEGEGQFEKLCQESAKQAPTKAEKIKLLKPISGKLRAQWEMGIVQAEEAASMSVEERKAKFTFLYVGDQLHLNPQVAKEA
GIAAEGGGENLYFQ
;
_entity_poly.pdbx_strand_id   A,B
#
# COMPACT_ATOMS: atom_id res chain seq x y z
N LEU A 14 17.27 -17.58 3.82
CA LEU A 14 16.35 -18.25 4.73
C LEU A 14 15.19 -17.35 5.11
N LEU A 15 14.11 -17.38 4.31
CA LEU A 15 12.96 -16.55 4.59
C LEU A 15 12.18 -17.09 5.76
N LYS A 16 11.68 -16.20 6.64
CA LYS A 16 10.91 -16.63 7.80
C LYS A 16 9.52 -17.07 7.36
N TYR A 17 8.88 -16.27 6.51
CA TYR A 17 7.53 -16.58 6.03
C TYR A 17 7.51 -16.91 4.55
N ASN A 18 6.46 -17.62 4.13
CA ASN A 18 6.23 -18.05 2.77
C ASN A 18 4.72 -17.87 2.45
N VAL A 19 4.32 -17.89 1.16
CA VAL A 19 2.92 -17.75 0.77
C VAL A 19 2.01 -18.74 1.52
N GLY A 20 1.03 -18.21 2.25
CA GLY A 20 0.11 -19.04 3.02
C GLY A 20 0.24 -18.86 4.51
N ASP A 21 1.48 -18.62 5.00
CA ASP A 21 1.74 -18.44 6.43
C ASP A 21 0.90 -17.30 7.02
N LEU A 22 0.28 -17.51 8.20
CA LEU A 22 -0.57 -16.51 8.84
C LEU A 22 0.23 -15.69 9.83
N VAL A 23 0.05 -14.35 9.81
CA VAL A 23 0.80 -13.43 10.66
C VAL A 23 -0.07 -12.31 11.20
N TRP A 24 0.31 -11.75 12.34
CA TRP A 24 -0.29 -10.57 12.94
C TRP A 24 0.52 -9.39 12.37
N SER A 25 -0.15 -8.37 11.84
CA SER A 25 0.52 -7.20 11.27
C SER A 25 0.26 -5.96 12.12
N LYS A 26 1.33 -5.24 12.54
CA LYS A 26 1.11 -3.99 13.27
C LYS A 26 1.32 -2.78 12.38
N VAL A 27 0.24 -2.10 12.03
CA VAL A 27 0.31 -0.89 11.24
C VAL A 27 0.06 0.25 12.20
N SER A 28 0.77 1.36 12.02
CA SER A 28 0.59 2.54 12.86
C SER A 28 -0.82 3.12 12.69
N GLY A 29 -1.48 3.38 13.81
CA GLY A 29 -2.84 3.91 13.78
C GLY A 29 -3.92 2.84 13.77
N TYR A 30 -3.52 1.57 13.88
CA TYR A 30 -4.43 0.41 13.86
C TYR A 30 -4.06 -0.61 14.98
N PRO A 31 -4.99 -1.51 15.36
CA PRO A 31 -4.62 -2.58 16.29
C PRO A 31 -3.90 -3.72 15.57
N TRP A 32 -3.32 -4.70 16.29
CA TRP A 32 -2.66 -5.85 15.63
C TRP A 32 -3.71 -6.62 14.82
N TRP A 33 -3.40 -6.99 13.57
CA TRP A 33 -4.40 -7.58 12.71
C TRP A 33 -4.05 -8.93 12.15
N PRO A 34 -5.03 -9.87 12.13
CA PRO A 34 -4.79 -11.18 11.51
C PRO A 34 -4.61 -11.10 9.99
N CYS A 35 -3.51 -11.67 9.49
CA CYS A 35 -3.16 -11.62 8.09
C CYS A 35 -2.69 -12.97 7.53
N MET A 36 -2.35 -13.00 6.24
CA MET A 36 -1.80 -14.18 5.59
C MET A 36 -0.86 -13.71 4.47
N VAL A 37 0.42 -14.16 4.45
CA VAL A 37 1.39 -13.78 3.42
C VAL A 37 0.88 -14.28 2.07
N SER A 38 0.89 -13.42 1.05
CA SER A 38 0.41 -13.79 -0.28
C SER A 38 1.27 -13.15 -1.36
N ALA A 39 1.11 -13.63 -2.61
CA ALA A 39 1.81 -13.05 -3.74
C ALA A 39 1.03 -11.82 -4.25
N ASP A 40 1.75 -10.71 -4.49
CA ASP A 40 1.17 -9.47 -4.98
C ASP A 40 0.57 -9.71 -6.37
N PRO A 41 -0.73 -9.47 -6.60
CA PRO A 41 -1.31 -9.72 -7.93
C PRO A 41 -0.64 -9.01 -9.13
N LEU A 42 -0.01 -7.83 -8.91
CA LEU A 42 0.62 -7.11 -10.01
C LEU A 42 2.15 -7.31 -10.05
N LEU A 43 2.80 -7.46 -8.91
CA LEU A 43 4.26 -7.62 -8.87
C LEU A 43 4.73 -9.07 -8.83
N HIS A 44 3.82 -9.99 -8.48
CA HIS A 44 4.03 -11.44 -8.39
C HIS A 44 5.03 -11.89 -7.31
N SER A 45 5.46 -10.97 -6.44
CA SER A 45 6.36 -11.31 -5.35
C SER A 45 5.62 -11.23 -4.00
N TYR A 46 6.07 -12.02 -3.01
CA TYR A 46 5.48 -12.03 -1.66
C TYR A 46 6.45 -11.45 -0.60
N THR A 47 7.72 -11.19 -0.97
CA THR A 47 8.73 -10.62 -0.11
C THR A 47 9.70 -9.77 -0.93
N LYS A 48 10.15 -8.65 -0.33
CA LYS A 48 11.04 -7.69 -0.97
C LYS A 48 12.08 -7.15 0.03
N LEU A 49 13.02 -6.32 -0.43
CA LEU A 49 14.01 -5.66 0.41
C LEU A 49 13.92 -4.17 0.09
N LYS A 50 13.35 -3.34 0.99
CA LYS A 50 13.25 -1.91 0.71
C LYS A 50 14.62 -1.25 0.68
N GLY A 51 14.96 -0.67 -0.48
CA GLY A 51 16.24 -0.01 -0.72
C GLY A 51 17.45 -0.94 -0.71
N GLN A 52 17.18 -2.25 -0.87
CA GLN A 52 18.13 -3.35 -0.79
C GLN A 52 18.77 -3.48 0.61
N LYS A 53 18.10 -2.94 1.65
CA LYS A 53 18.62 -3.04 3.02
C LYS A 53 18.16 -4.38 3.58
N LYS A 54 19.10 -5.32 3.79
CA LYS A 54 18.85 -6.68 4.32
C LYS A 54 17.87 -6.67 5.50
N SER A 55 17.98 -5.65 6.37
CA SER A 55 17.14 -5.45 7.54
C SER A 55 15.66 -5.18 7.18
N ALA A 56 15.39 -4.14 6.35
CA ALA A 56 14.07 -3.69 5.90
C ALA A 56 13.42 -4.62 4.87
N ARG A 57 13.14 -5.85 5.29
CA ARG A 57 12.46 -6.82 4.44
C ARG A 57 10.96 -6.57 4.58
N GLN A 58 10.22 -6.66 3.47
CA GLN A 58 8.76 -6.51 3.50
C GLN A 58 8.10 -7.78 3.02
N TYR A 59 6.88 -8.05 3.51
CA TYR A 59 6.09 -9.21 3.10
C TYR A 59 4.72 -8.74 2.66
N HIS A 60 4.24 -9.21 1.49
CA HIS A 60 2.93 -8.85 1.01
C HIS A 60 1.93 -9.65 1.79
N VAL A 61 0.99 -9.01 2.50
CA VAL A 61 -0.01 -9.72 3.31
C VAL A 61 -1.43 -9.33 2.94
N GLN A 62 -2.37 -10.27 3.18
CA GLN A 62 -3.81 -10.08 3.00
C GLN A 62 -4.36 -9.85 4.40
N PHE A 63 -5.22 -8.85 4.60
CA PHE A 63 -5.76 -8.58 5.93
C PHE A 63 -7.10 -9.31 6.10
N PHE A 64 -7.19 -10.25 7.05
CA PHE A 64 -8.42 -11.00 7.26
C PHE A 64 -9.56 -10.09 7.70
N GLY A 65 -10.72 -10.24 7.07
CA GLY A 65 -11.89 -9.45 7.41
C GLY A 65 -12.95 -9.47 6.33
N ASP A 66 -14.10 -8.82 6.57
CA ASP A 66 -15.18 -8.78 5.58
C ASP A 66 -14.99 -7.72 4.50
N ALA A 67 -14.24 -6.65 4.79
CA ALA A 67 -13.94 -5.59 3.81
C ALA A 67 -12.45 -5.73 3.53
N PRO A 68 -12.06 -6.65 2.62
CA PRO A 68 -10.64 -6.99 2.50
C PRO A 68 -9.70 -5.94 1.91
N GLU A 69 -8.45 -5.97 2.42
CA GLU A 69 -7.33 -5.13 2.01
C GLU A 69 -6.04 -5.99 1.86
N ARG A 70 -4.93 -5.36 1.42
CA ARG A 70 -3.62 -5.99 1.26
C ARG A 70 -2.54 -4.90 1.31
N ALA A 71 -1.35 -5.27 1.78
CA ALA A 71 -0.26 -4.30 1.87
C ALA A 71 1.10 -4.97 2.05
N TRP A 72 2.16 -4.26 1.67
CA TRP A 72 3.51 -4.69 1.91
C TRP A 72 3.86 -4.21 3.31
N ILE A 73 3.94 -5.13 4.25
CA ILE A 73 4.22 -4.80 5.64
C ILE A 73 5.64 -5.17 5.94
N PHE A 74 6.32 -4.38 6.78
CA PHE A 74 7.69 -4.69 7.17
C PHE A 74 7.71 -5.96 8.02
N GLU A 75 8.75 -6.79 7.87
CA GLU A 75 8.86 -8.02 8.66
C GLU A 75 8.99 -7.69 10.15
N LYS A 76 9.63 -6.56 10.51
CA LYS A 76 9.79 -6.14 11.91
C LYS A 76 8.45 -5.93 12.62
N SER A 77 7.37 -5.64 11.86
CA SER A 77 6.00 -5.46 12.35
C SER A 77 5.15 -6.74 12.17
N LEU A 78 5.78 -7.90 12.05
CA LEU A 78 5.07 -9.17 11.82
C LEU A 78 5.35 -10.22 12.90
N VAL A 79 4.28 -10.81 13.45
CA VAL A 79 4.36 -11.87 14.44
C VAL A 79 3.66 -13.13 13.87
N ALA A 80 4.19 -14.34 14.12
CA ALA A 80 3.53 -15.56 13.63
C ALA A 80 2.19 -15.72 14.33
N PHE A 81 1.14 -16.01 13.58
CA PHE A 81 -0.21 -16.16 14.15
C PHE A 81 -0.51 -17.61 14.55
N GLU A 82 -1.06 -17.78 15.76
CA GLU A 82 -1.45 -19.06 16.34
C GLU A 82 -2.93 -19.03 16.73
N GLY A 83 -3.38 -17.91 17.30
CA GLY A 83 -4.77 -17.71 17.67
C GLY A 83 -5.00 -16.37 18.34
N GLU A 84 -6.27 -16.01 18.59
CA GLU A 84 -6.63 -14.74 19.24
C GLU A 84 -6.06 -14.58 20.66
N GLY A 85 -5.55 -15.67 21.23
CA GLY A 85 -4.95 -15.64 22.55
C GLY A 85 -3.75 -14.74 22.65
N GLN A 86 -3.05 -14.51 21.52
CA GLN A 86 -1.87 -13.66 21.51
C GLN A 86 -2.22 -12.19 21.63
N PHE A 87 -3.39 -11.77 21.08
CA PHE A 87 -3.85 -10.38 20.99
C PHE A 87 -3.58 -9.53 22.24
N GLU A 88 -3.95 -10.03 23.42
CA GLU A 88 -3.75 -9.28 24.65
C GLU A 88 -2.27 -9.04 24.92
N LYS A 89 -1.46 -10.11 24.89
CA LYS A 89 -0.02 -10.00 25.13
C LYS A 89 0.67 -9.12 24.10
N LEU A 90 0.15 -9.12 22.83
CA LEU A 90 0.64 -8.28 21.73
C LEU A 90 0.39 -6.80 22.01
N CYS A 91 -0.80 -6.46 22.54
CA CYS A 91 -1.16 -5.10 22.93
C CYS A 91 -0.33 -4.62 24.11
N GLN A 92 -0.01 -5.55 25.05
CA GLN A 92 0.79 -5.22 26.23
C GLN A 92 2.18 -4.81 25.80
N GLU A 93 2.81 -5.56 24.88
CA GLU A 93 4.15 -5.23 24.44
C GLU A 93 4.18 -3.94 23.68
N SER A 94 3.22 -3.72 22.77
CA SER A 94 3.14 -2.49 22.01
C SER A 94 2.92 -1.28 22.91
N ALA A 95 2.17 -1.47 24.03
CA ALA A 95 1.92 -0.42 25.03
C ALA A 95 3.15 -0.14 25.90
N LYS A 96 4.06 -1.13 26.07
CA LYS A 96 5.28 -0.93 26.85
C LYS A 96 6.17 0.13 26.18
N GLN A 97 6.28 0.05 24.86
CA GLN A 97 7.11 1.00 24.12
C GLN A 97 6.29 2.13 23.52
N ALA A 98 5.31 2.66 24.25
CA ALA A 98 4.52 3.79 23.77
C ALA A 98 5.12 5.12 24.32
N PRO A 99 4.94 6.24 23.58
CA PRO A 99 5.58 7.50 24.01
C PRO A 99 4.80 8.33 25.04
N THR A 100 3.53 7.98 25.28
CA THR A 100 2.66 8.70 26.20
C THR A 100 1.73 7.73 26.94
N LYS A 101 1.03 8.25 27.97
CA LYS A 101 -0.01 7.52 28.67
C LYS A 101 -1.20 7.43 27.70
N ALA A 102 -1.51 8.51 26.93
CA ALA A 102 -2.60 8.51 25.93
C ALA A 102 -2.39 7.46 24.83
N GLU A 103 -1.12 7.12 24.53
CA GLU A 103 -0.80 6.10 23.54
C GLU A 103 -1.00 4.70 24.14
N LYS A 104 -0.59 4.52 25.40
CA LYS A 104 -0.74 3.28 26.14
C LYS A 104 -2.24 2.96 26.32
N ILE A 105 -3.09 4.00 26.54
CA ILE A 105 -4.53 3.78 26.71
C ILE A 105 -5.16 3.28 25.42
N LYS A 106 -4.83 3.91 24.29
CA LYS A 106 -5.38 3.55 22.99
C LYS A 106 -5.10 2.09 22.65
N LEU A 107 -3.85 1.65 22.83
CA LEU A 107 -3.40 0.29 22.55
C LEU A 107 -4.05 -0.75 23.43
N LEU A 108 -4.35 -0.42 24.68
CA LEU A 108 -4.94 -1.38 25.62
C LEU A 108 -6.49 -1.36 25.64
N LYS A 109 -7.08 -0.28 25.14
CA LYS A 109 -8.51 -0.09 24.96
C LYS A 109 -8.97 -1.06 23.87
N PRO A 110 -10.06 -1.80 24.07
CA PRO A 110 -10.53 -2.73 23.02
C PRO A 110 -11.00 -2.00 21.76
N ILE A 111 -10.90 -2.71 20.63
CA ILE A 111 -11.29 -2.21 19.32
C ILE A 111 -12.81 -1.96 19.33
N SER A 112 -13.27 -0.93 18.63
CA SER A 112 -14.69 -0.59 18.60
C SER A 112 -15.19 -0.15 17.20
N GLY A 113 -16.51 -0.14 17.01
CA GLY A 113 -17.11 0.28 15.77
C GLY A 113 -16.99 -0.71 14.64
N LYS A 114 -16.80 -0.21 13.41
CA LYS A 114 -16.66 -1.09 12.25
C LYS A 114 -15.34 -1.85 12.29
N LEU A 115 -14.32 -1.28 12.93
CA LEU A 115 -13.03 -1.93 13.05
C LEU A 115 -13.15 -3.18 13.91
N ARG A 116 -13.91 -3.13 15.01
CA ARG A 116 -14.10 -4.29 15.89
C ARG A 116 -14.82 -5.40 15.16
N ALA A 117 -15.98 -5.10 14.54
CA ALA A 117 -16.76 -6.09 13.79
C ALA A 117 -15.91 -6.77 12.71
N GLN A 118 -15.07 -5.99 12.00
CA GLN A 118 -14.18 -6.52 10.99
C GLN A 118 -13.07 -7.38 11.59
N TRP A 119 -12.44 -6.90 12.70
CA TRP A 119 -11.38 -7.61 13.38
C TRP A 119 -11.83 -8.97 13.86
N GLU A 120 -13.04 -9.05 14.49
CA GLU A 120 -13.61 -10.30 14.99
C GLU A 120 -13.94 -11.22 13.82
N MET A 121 -14.55 -10.70 12.75
CA MET A 121 -14.84 -11.52 11.58
C MET A 121 -13.53 -12.08 10.98
N GLY A 122 -12.49 -11.26 10.95
CA GLY A 122 -11.18 -11.64 10.46
C GLY A 122 -10.47 -12.65 11.35
N ILE A 123 -10.73 -12.59 12.64
CA ILE A 123 -10.16 -13.53 13.60
C ILE A 123 -10.75 -14.96 13.33
N VAL A 124 -12.04 -15.01 12.96
CA VAL A 124 -12.75 -16.24 12.60
C VAL A 124 -12.06 -16.92 11.39
N GLN A 125 -11.74 -16.14 10.35
CA GLN A 125 -11.09 -16.69 9.17
C GLN A 125 -9.67 -17.12 9.44
N ALA A 126 -8.95 -16.34 10.24
CA ALA A 126 -7.56 -16.62 10.53
C ALA A 126 -7.44 -17.91 11.35
N GLU A 127 -8.28 -18.06 12.40
CA GLU A 127 -8.28 -19.27 13.21
C GLU A 127 -8.78 -20.49 12.43
N GLU A 128 -9.68 -20.27 11.47
CA GLU A 128 -10.16 -21.34 10.60
C GLU A 128 -9.01 -21.81 9.72
N ALA A 129 -8.25 -20.87 9.14
CA ALA A 129 -7.10 -21.19 8.30
C ALA A 129 -5.96 -21.85 9.08
N ALA A 130 -5.78 -21.53 10.37
CA ALA A 130 -4.72 -22.15 11.17
C ALA A 130 -4.93 -23.67 11.35
N SER A 131 -6.20 -24.11 11.33
CA SER A 131 -6.52 -25.53 11.43
C SER A 131 -6.49 -26.26 10.06
N MET A 132 -5.95 -25.63 9.01
CA MET A 132 -5.89 -26.25 7.68
C MET A 132 -4.46 -26.45 7.21
N SER A 133 -4.29 -27.22 6.11
CA SER A 133 -2.97 -27.40 5.48
C SER A 133 -2.55 -26.06 4.82
N VAL A 134 -1.26 -25.86 4.53
CA VAL A 134 -0.81 -24.62 3.88
C VAL A 134 -1.50 -24.42 2.51
N GLU A 135 -1.76 -25.53 1.77
CA GLU A 135 -2.44 -25.45 0.49
C GLU A 135 -3.95 -25.36 0.61
N GLU A 136 -4.54 -25.93 1.68
CA GLU A 136 -5.97 -25.83 1.92
C GLU A 136 -6.32 -24.37 2.26
N ARG A 137 -5.53 -23.74 3.16
CA ARG A 137 -5.76 -22.35 3.58
C ARG A 137 -5.48 -21.35 2.47
N LYS A 138 -4.54 -21.69 1.57
CA LYS A 138 -4.21 -20.87 0.42
C LYS A 138 -5.40 -20.94 -0.53
N ALA A 139 -5.87 -22.15 -0.85
CA ALA A 139 -7.01 -22.35 -1.75
C ALA A 139 -8.30 -21.68 -1.26
N LYS A 140 -8.55 -21.75 0.05
CA LYS A 140 -9.75 -21.17 0.62
C LYS A 140 -9.71 -19.65 0.75
N PHE A 141 -8.64 -19.11 1.34
CA PHE A 141 -8.56 -17.68 1.67
C PHE A 141 -7.73 -16.77 0.76
N THR A 142 -7.18 -17.26 -0.36
CA THR A 142 -6.46 -16.35 -1.26
C THR A 142 -7.51 -15.51 -1.98
N PHE A 143 -7.25 -14.21 -2.06
CA PHE A 143 -8.14 -13.27 -2.71
C PHE A 143 -8.18 -13.50 -4.21
N LEU A 144 -9.30 -13.16 -4.83
CA LEU A 144 -9.46 -13.28 -6.28
C LEU A 144 -9.42 -11.86 -6.82
N TYR A 145 -8.63 -11.59 -7.87
CA TYR A 145 -8.56 -10.23 -8.40
C TYR A 145 -8.99 -10.13 -9.87
N VAL A 146 -9.93 -9.20 -10.16
CA VAL A 146 -10.40 -8.95 -11.52
C VAL A 146 -10.21 -7.48 -11.88
N GLY A 147 -9.04 -7.19 -12.45
CA GLY A 147 -8.66 -5.82 -12.78
C GLY A 147 -8.29 -5.13 -11.49
N ASP A 148 -8.82 -3.91 -11.28
CA ASP A 148 -8.56 -3.20 -10.03
C ASP A 148 -9.42 -3.72 -8.85
N GLN A 149 -10.32 -4.71 -9.09
CA GLN A 149 -11.21 -5.25 -8.08
C GLN A 149 -10.61 -6.39 -7.26
N LEU A 150 -10.57 -6.17 -5.94
CA LEU A 150 -10.09 -7.13 -4.96
C LEU A 150 -11.31 -7.83 -4.40
N HIS A 151 -11.47 -9.10 -4.74
CA HIS A 151 -12.63 -9.89 -4.35
C HIS A 151 -12.33 -11.02 -3.38
N LEU A 152 -13.32 -11.35 -2.55
CA LEU A 152 -13.25 -12.47 -1.63
C LEU A 152 -13.74 -13.72 -2.36
N ASN A 153 -13.24 -14.89 -1.94
CA ASN A 153 -13.65 -16.21 -2.44
C ASN A 153 -15.15 -16.36 -2.10
N PRO A 154 -15.98 -16.71 -3.10
CA PRO A 154 -17.44 -16.76 -2.86
C PRO A 154 -17.88 -17.55 -1.63
N GLN A 155 -17.15 -18.61 -1.24
CA GLN A 155 -17.49 -19.41 -0.04
C GLN A 155 -17.20 -18.61 1.24
N VAL A 156 -16.10 -17.84 1.23
CA VAL A 156 -15.67 -16.96 2.32
C VAL A 156 -16.65 -15.79 2.47
N ALA A 157 -17.14 -15.28 1.33
CA ALA A 157 -18.11 -14.19 1.28
C ALA A 157 -19.46 -14.65 1.85
N LYS A 158 -19.85 -15.92 1.59
CA LYS A 158 -21.10 -16.51 2.09
C LYS A 158 -20.99 -16.66 3.60
N GLU A 159 -19.84 -17.18 4.09
CA GLU A 159 -19.58 -17.36 5.52
C GLU A 159 -19.53 -16.02 6.28
N ALA A 160 -19.22 -14.91 5.58
CA ALA A 160 -19.18 -13.60 6.24
C ALA A 160 -20.58 -12.92 6.14
N GLY A 161 -21.16 -12.87 4.94
CA GLY A 161 -22.47 -12.26 4.71
C GLY A 161 -22.62 -11.63 3.34
N LEU B 15 13.13 16.50 -25.33
CA LEU B 15 12.01 16.40 -24.39
C LEU B 15 12.44 15.94 -22.99
N LYS B 16 11.88 16.59 -21.94
CA LYS B 16 12.20 16.31 -20.54
C LYS B 16 11.85 14.88 -20.18
N TYR B 17 10.64 14.40 -20.54
CA TYR B 17 10.27 13.02 -20.23
C TYR B 17 9.88 12.24 -21.51
N ASN B 18 9.80 10.92 -21.41
CA ASN B 18 9.44 9.99 -22.49
C ASN B 18 8.56 8.87 -21.89
N VAL B 19 8.04 7.94 -22.72
CA VAL B 19 7.25 6.82 -22.22
C VAL B 19 8.15 5.91 -21.36
N GLY B 20 7.59 5.36 -20.28
CA GLY B 20 8.32 4.51 -19.35
C GLY B 20 9.00 5.27 -18.23
N ASP B 21 9.19 6.58 -18.37
CA ASP B 21 9.84 7.40 -17.37
C ASP B 21 9.01 7.58 -16.10
N LEU B 22 9.66 7.52 -14.95
CA LEU B 22 9.00 7.64 -13.65
C LEU B 22 9.00 9.10 -13.14
N VAL B 23 7.82 9.61 -12.74
CA VAL B 23 7.67 10.97 -12.25
C VAL B 23 6.76 11.02 -11.01
N TRP B 24 6.95 12.03 -10.17
CA TRP B 24 6.10 12.34 -9.03
C TRP B 24 5.15 13.38 -9.64
N SER B 25 3.84 13.27 -9.44
CA SER B 25 2.90 14.22 -10.02
C SER B 25 2.09 14.93 -8.97
N LYS B 26 2.08 16.27 -8.98
CA LYS B 26 1.29 17.04 -8.05
C LYS B 26 -0.01 17.51 -8.67
N VAL B 27 -1.09 16.89 -8.23
CA VAL B 27 -2.46 17.23 -8.60
C VAL B 27 -3.02 17.98 -7.39
N SER B 28 -3.79 19.05 -7.61
CA SER B 28 -4.34 19.82 -6.50
C SER B 28 -5.28 19.01 -5.61
N GLY B 29 -5.05 19.08 -4.31
CA GLY B 29 -5.86 18.34 -3.36
C GLY B 29 -5.32 16.98 -3.00
N TYR B 30 -4.27 16.52 -3.69
CA TYR B 30 -3.68 15.21 -3.43
C TYR B 30 -2.19 15.40 -3.15
N PRO B 31 -1.52 14.42 -2.49
CA PRO B 31 -0.07 14.55 -2.28
C PRO B 31 0.72 14.30 -3.56
N TRP B 32 2.07 14.42 -3.50
CA TRP B 32 2.92 14.07 -4.64
C TRP B 32 2.77 12.56 -4.84
N TRP B 33 2.46 12.15 -6.07
CA TRP B 33 2.12 10.74 -6.32
C TRP B 33 3.02 10.06 -7.29
N PRO B 34 3.46 8.83 -6.98
CA PRO B 34 4.30 8.09 -7.93
C PRO B 34 3.55 7.74 -9.22
N CYS B 35 4.04 8.26 -10.34
CA CYS B 35 3.49 8.07 -11.66
C CYS B 35 4.54 7.55 -12.65
N MET B 36 4.07 7.02 -13.81
CA MET B 36 4.94 6.62 -14.93
C MET B 36 4.34 7.20 -16.19
N VAL B 37 5.14 7.96 -16.95
CA VAL B 37 4.73 8.59 -18.20
C VAL B 37 4.40 7.48 -19.19
N SER B 38 3.23 7.59 -19.81
CA SER B 38 2.76 6.59 -20.77
C SER B 38 1.91 7.27 -21.86
N ALA B 39 1.57 6.53 -22.93
CA ALA B 39 0.75 7.11 -23.99
C ALA B 39 -0.73 7.12 -23.57
N ASP B 40 -1.48 8.09 -24.07
CA ASP B 40 -2.91 8.16 -23.82
C ASP B 40 -3.52 7.02 -24.63
N PRO B 41 -4.32 6.12 -24.02
CA PRO B 41 -4.86 4.97 -24.78
C PRO B 41 -5.81 5.37 -25.92
N LEU B 42 -6.45 6.54 -25.80
CA LEU B 42 -7.39 7.04 -26.79
C LEU B 42 -6.70 7.83 -27.89
N LEU B 43 -5.87 8.84 -27.51
CA LEU B 43 -5.16 9.73 -28.44
C LEU B 43 -3.84 9.18 -28.98
N HIS B 44 -3.30 8.13 -28.33
CA HIS B 44 -2.04 7.44 -28.67
C HIS B 44 -0.81 8.36 -28.66
N SER B 45 -0.90 9.48 -27.94
CA SER B 45 0.15 10.48 -27.75
C SER B 45 0.50 10.54 -26.28
N TYR B 46 1.78 10.56 -25.94
CA TYR B 46 2.18 10.69 -24.55
C TYR B 46 2.44 12.15 -24.14
N THR B 47 2.57 13.10 -25.10
CA THR B 47 2.80 14.51 -24.79
C THR B 47 1.97 15.45 -25.71
N LYS B 48 1.75 16.70 -25.27
CA LYS B 48 1.01 17.68 -26.05
C LYS B 48 1.21 19.09 -25.49
N LEU B 49 0.94 20.13 -26.29
CA LEU B 49 1.11 21.52 -25.86
C LEU B 49 -0.22 22.28 -25.66
N LYS B 50 -0.23 23.22 -24.69
CA LYS B 50 -1.38 24.06 -24.31
C LYS B 50 -1.64 25.20 -25.31
N SER B 55 1.92 26.54 -25.78
CA SER B 55 2.56 27.43 -24.80
C SER B 55 3.04 26.71 -23.51
N ALA B 56 2.38 25.60 -23.10
CA ALA B 56 2.78 24.86 -21.89
C ALA B 56 2.70 23.34 -22.13
N ARG B 57 3.77 22.59 -21.77
CA ARG B 57 3.79 21.15 -22.05
C ARG B 57 3.09 20.28 -21.03
N GLN B 58 2.37 19.29 -21.53
CA GLN B 58 1.70 18.25 -20.77
C GLN B 58 2.25 16.88 -21.16
N TYR B 59 2.08 15.90 -20.26
CA TYR B 59 2.48 14.50 -20.44
C TYR B 59 1.39 13.61 -19.84
N HIS B 60 1.15 12.48 -20.47
CA HIS B 60 0.17 11.54 -19.97
C HIS B 60 0.87 10.64 -18.96
N VAL B 61 0.25 10.44 -17.77
CA VAL B 61 0.86 9.64 -16.71
C VAL B 61 -0.09 8.61 -16.16
N GLN B 62 0.47 7.50 -15.64
CA GLN B 62 -0.26 6.45 -14.95
C GLN B 62 0.16 6.51 -13.47
N PHE B 63 -0.83 6.69 -12.57
CA PHE B 63 -0.62 6.75 -11.13
C PHE B 63 -0.51 5.36 -10.58
N PHE B 64 0.64 5.05 -9.94
CA PHE B 64 0.88 3.77 -9.31
C PHE B 64 -0.03 3.60 -8.10
N GLY B 65 -0.48 2.38 -7.87
CA GLY B 65 -1.35 2.03 -6.75
C GLY B 65 -2.06 0.71 -6.97
N ASP B 66 -3.02 0.39 -6.11
CA ASP B 66 -3.77 -0.86 -6.26
C ASP B 66 -4.91 -0.71 -7.27
N ALA B 67 -5.50 0.50 -7.37
CA ALA B 67 -6.53 0.86 -8.34
C ALA B 67 -5.95 2.04 -9.15
N PRO B 68 -5.03 1.78 -10.10
CA PRO B 68 -4.37 2.88 -10.80
C PRO B 68 -5.27 3.67 -11.77
N GLU B 69 -4.88 4.94 -11.96
CA GLU B 69 -5.55 5.94 -12.77
C GLU B 69 -4.59 6.61 -13.79
N ARG B 70 -5.14 7.33 -14.76
CA ARG B 70 -4.36 8.05 -15.75
C ARG B 70 -4.84 9.50 -15.85
N ALA B 71 -3.92 10.43 -16.20
CA ALA B 71 -4.24 11.85 -16.32
C ALA B 71 -3.15 12.60 -17.10
N TRP B 72 -3.49 13.77 -17.65
CA TRP B 72 -2.60 14.64 -18.39
C TRP B 72 -2.10 15.70 -17.43
N ILE B 73 -0.80 15.66 -17.12
CA ILE B 73 -0.20 16.57 -16.15
C ILE B 73 0.75 17.53 -16.85
N PHE B 74 0.79 18.80 -16.41
CA PHE B 74 1.73 19.77 -16.95
C PHE B 74 3.14 19.47 -16.45
N GLU B 75 4.17 19.75 -17.26
CA GLU B 75 5.57 19.49 -16.92
C GLU B 75 5.97 20.18 -15.60
N LYS B 76 5.33 21.34 -15.30
CA LYS B 76 5.55 22.13 -14.11
C LYS B 76 5.16 21.37 -12.84
N SER B 77 4.15 20.50 -12.92
CA SER B 77 3.68 19.68 -11.81
C SER B 77 4.30 18.29 -11.80
N LEU B 78 5.49 18.11 -12.39
CA LEU B 78 6.15 16.82 -12.42
C LEU B 78 7.57 16.95 -11.93
N VAL B 79 8.06 15.88 -11.29
CA VAL B 79 9.43 15.80 -10.79
C VAL B 79 9.96 14.40 -11.10
N ALA B 80 11.24 14.29 -11.49
CA ALA B 80 11.84 12.98 -11.76
C ALA B 80 11.77 12.05 -10.54
N PHE B 81 11.06 10.93 -10.65
CA PHE B 81 10.96 9.98 -9.56
C PHE B 81 12.26 9.20 -9.36
N GLU B 82 12.81 9.29 -8.16
CA GLU B 82 14.00 8.57 -7.73
C GLU B 82 13.58 7.52 -6.70
N GLY B 83 12.82 7.96 -5.69
CA GLY B 83 12.33 7.08 -4.63
C GLY B 83 11.53 7.80 -3.54
N GLU B 84 11.05 7.04 -2.54
CA GLU B 84 10.26 7.58 -1.42
C GLU B 84 10.99 8.72 -0.66
N GLY B 85 12.32 8.69 -0.67
CA GLY B 85 13.18 9.66 -0.02
C GLY B 85 12.99 11.11 -0.43
N GLN B 86 12.38 11.32 -1.60
CA GLN B 86 12.11 12.66 -2.11
C GLN B 86 10.82 13.24 -1.57
N PHE B 87 9.87 12.40 -1.15
CA PHE B 87 8.57 12.87 -0.72
C PHE B 87 8.58 14.05 0.25
N GLU B 88 9.47 14.00 1.26
CA GLU B 88 9.61 15.04 2.30
C GLU B 88 9.93 16.41 1.71
N LYS B 89 11.02 16.51 0.93
CA LYS B 89 11.38 17.78 0.31
C LYS B 89 10.28 18.24 -0.66
N LEU B 90 9.63 17.32 -1.37
CA LEU B 90 8.54 17.66 -2.30
C LEU B 90 7.41 18.37 -1.56
N CYS B 91 7.07 17.89 -0.36
CA CYS B 91 6.05 18.46 0.49
C CYS B 91 6.49 19.85 0.97
N GLN B 92 7.75 19.96 1.44
CA GLN B 92 8.28 21.22 1.95
C GLN B 92 8.27 22.30 0.91
N GLU B 93 8.63 21.94 -0.33
CA GLU B 93 8.67 22.90 -1.43
C GLU B 93 7.27 23.28 -1.83
N SER B 94 6.35 22.33 -1.89
CA SER B 94 4.96 22.64 -2.19
C SER B 94 4.30 23.52 -1.13
N ALA B 95 4.78 23.44 0.12
CA ALA B 95 4.28 24.25 1.23
C ALA B 95 4.95 25.61 1.24
N LYS B 96 6.27 25.67 0.95
CA LYS B 96 7.00 26.93 0.88
C LYS B 96 6.40 27.80 -0.22
N GLN B 97 6.19 27.19 -1.39
CA GLN B 97 5.62 27.84 -2.55
C GLN B 97 4.09 27.60 -2.60
N ALA B 98 3.39 27.81 -1.47
CA ALA B 98 1.94 27.64 -1.43
C ALA B 98 1.26 29.01 -1.52
N PRO B 99 -0.04 29.07 -1.91
CA PRO B 99 -0.66 30.39 -2.09
C PRO B 99 -1.12 31.10 -0.80
N THR B 100 -2.33 30.80 -0.28
CA THR B 100 -2.85 31.49 0.90
C THR B 100 -2.62 30.69 2.20
N LYS B 101 -2.82 31.38 3.36
CA LYS B 101 -2.67 30.90 4.72
C LYS B 101 -3.35 29.54 4.90
N ALA B 102 -4.65 29.45 4.55
CA ALA B 102 -5.44 28.24 4.66
C ALA B 102 -4.90 27.11 3.80
N GLU B 103 -4.45 27.44 2.58
CA GLU B 103 -3.91 26.45 1.65
C GLU B 103 -2.57 25.85 2.14
N LYS B 104 -1.76 26.68 2.82
CA LYS B 104 -0.50 26.20 3.40
C LYS B 104 -0.78 25.09 4.41
N ILE B 105 -1.82 25.31 5.24
CA ILE B 105 -2.31 24.40 6.26
C ILE B 105 -2.67 23.03 5.68
N LYS B 106 -3.47 23.01 4.60
CA LYS B 106 -3.92 21.78 3.93
C LYS B 106 -2.78 20.78 3.66
N LEU B 107 -1.68 21.27 3.10
CA LEU B 107 -0.55 20.44 2.71
C LEU B 107 0.29 19.88 3.85
N LEU B 108 0.14 20.46 5.06
CA LEU B 108 0.95 20.02 6.20
C LEU B 108 0.62 18.57 6.60
N LYS B 109 -0.70 18.31 6.82
CA LYS B 109 -1.32 17.05 7.24
C LYS B 109 -0.95 15.88 6.34
N PRO B 110 -0.47 14.77 6.94
CA PRO B 110 -0.14 13.59 6.13
C PRO B 110 -1.39 12.81 5.72
N ILE B 111 -1.22 11.88 4.78
CA ILE B 111 -2.30 11.08 4.23
C ILE B 111 -2.70 9.94 5.17
N SER B 112 -3.96 9.52 5.06
CA SER B 112 -4.54 8.51 5.93
C SER B 112 -5.59 7.66 5.21
N GLY B 113 -6.01 6.57 5.84
CA GLY B 113 -7.05 5.70 5.31
C GLY B 113 -6.71 4.98 4.04
N LYS B 114 -7.66 4.97 3.09
CA LYS B 114 -7.47 4.30 1.83
C LYS B 114 -6.39 4.99 0.96
N LEU B 115 -6.36 6.35 0.94
CA LEU B 115 -5.37 7.13 0.19
C LEU B 115 -3.94 6.79 0.62
N ARG B 116 -3.69 6.73 1.93
CA ARG B 116 -2.36 6.39 2.45
C ARG B 116 -1.92 5.02 2.00
N ALA B 117 -2.81 4.02 2.12
CA ALA B 117 -2.55 2.64 1.74
C ALA B 117 -2.30 2.48 0.25
N GLN B 118 -2.99 3.26 -0.58
CA GLN B 118 -2.81 3.22 -2.01
C GLN B 118 -1.50 3.91 -2.41
N TRP B 119 -1.16 5.07 -1.78
CA TRP B 119 0.08 5.81 -2.02
C TRP B 119 1.26 4.93 -1.65
N GLU B 120 1.17 4.25 -0.49
CA GLU B 120 2.23 3.39 -0.02
C GLU B 120 2.45 2.22 -0.98
N MET B 121 1.35 1.58 -1.43
CA MET B 121 1.38 0.49 -2.40
C MET B 121 2.01 0.94 -3.73
N GLY B 122 1.66 2.14 -4.16
CA GLY B 122 2.20 2.74 -5.36
C GLY B 122 3.70 2.99 -5.28
N ILE B 123 4.21 3.24 -4.06
CA ILE B 123 5.62 3.41 -3.82
C ILE B 123 6.34 2.10 -4.06
N VAL B 124 5.78 0.95 -3.66
CA VAL B 124 6.47 -0.33 -3.84
C VAL B 124 6.57 -0.63 -5.37
N GLN B 125 5.48 -0.38 -6.12
CA GLN B 125 5.48 -0.57 -7.58
C GLN B 125 6.49 0.33 -8.27
N ALA B 126 6.44 1.67 -8.00
CA ALA B 126 7.34 2.67 -8.56
C ALA B 126 8.77 2.44 -8.17
N GLU B 127 9.04 2.02 -6.93
CA GLU B 127 10.40 1.70 -6.50
C GLU B 127 10.94 0.45 -7.18
N GLU B 128 10.04 -0.55 -7.44
CA GLU B 128 10.40 -1.77 -8.16
C GLU B 128 10.71 -1.39 -9.62
N ALA B 129 9.81 -0.62 -10.25
CA ALA B 129 9.94 -0.17 -11.64
C ALA B 129 11.28 0.56 -11.86
N ALA B 130 11.72 1.35 -10.87
CA ALA B 130 12.97 2.11 -10.90
C ALA B 130 14.19 1.21 -11.01
N SER B 131 14.15 0.05 -10.37
CA SER B 131 15.23 -0.93 -10.42
C SER B 131 15.32 -1.67 -11.79
N MET B 132 14.35 -1.44 -12.71
CA MET B 132 14.26 -2.07 -14.04
C MET B 132 14.64 -1.09 -15.17
N SER B 133 14.78 -1.62 -16.41
CA SER B 133 15.03 -0.84 -17.63
C SER B 133 13.70 -0.28 -18.10
N VAL B 134 13.73 0.79 -18.90
CA VAL B 134 12.50 1.42 -19.39
C VAL B 134 11.57 0.44 -20.10
N GLU B 135 12.14 -0.52 -20.84
CA GLU B 135 11.33 -1.48 -21.60
C GLU B 135 10.77 -2.54 -20.70
N GLU B 136 11.59 -3.04 -19.76
CA GLU B 136 11.16 -4.03 -18.78
C GLU B 136 10.02 -3.50 -17.94
N ARG B 137 10.07 -2.18 -17.62
CA ARG B 137 9.04 -1.57 -16.80
C ARG B 137 7.80 -1.27 -17.63
N LYS B 138 7.97 -0.84 -18.88
CA LYS B 138 6.84 -0.59 -19.77
C LYS B 138 6.02 -1.88 -19.98
N ALA B 139 6.71 -3.00 -20.14
CA ALA B 139 6.06 -4.27 -20.36
C ALA B 139 5.19 -4.68 -19.19
N LYS B 140 5.70 -4.52 -17.94
CA LYS B 140 4.99 -4.94 -16.73
C LYS B 140 3.94 -3.98 -16.15
N PHE B 141 4.21 -2.66 -16.18
CA PHE B 141 3.33 -1.69 -15.52
C PHE B 141 2.33 -0.94 -16.44
N THR B 142 2.26 -1.27 -17.73
CA THR B 142 1.31 -0.61 -18.63
C THR B 142 -0.05 -1.31 -18.54
N PHE B 143 -1.16 -0.52 -18.64
CA PHE B 143 -2.52 -1.06 -18.59
C PHE B 143 -2.85 -1.78 -19.90
#